data_3NRI
#
_entry.id   3NRI
#
_cell.length_a   80.585
_cell.length_b   80.585
_cell.length_c   90.363
_cell.angle_alpha   90.00
_cell.angle_beta   90.00
_cell.angle_gamma   120.00
#
_symmetry.space_group_name_H-M   'P 32 2 1'
#
loop_
_entity.id
_entity.type
_entity.pdbx_description
1 polymer 'Dehydrosqualene synthase'
2 non-polymer (6E,10R,13S,18E)-2,6,10,15,19,23-hexamethyltetracosa-2,6,10,11,13,14,18,22-octaene
#
_entity_poly.entity_id   1
_entity_poly.type   'polypeptide(L)'
_entity_poly.pdbx_seq_one_letter_code
;AAAAAAMTMMDMNFKYCHKIMKKHSKSFSYAFDLLPEDQRKAVWAIYAVCRKIDDSIDVYGDIQFLNQIKEDIQSIEKYP
YEYHHFQSDRRIMMALQHVAQHKNIAFQSFYNLIDTVYKDQHFTMFETDAELFGYCYGVAGTVGEVLTPILSDHETHQTY
DVARRLGESLQLINILRDVGEDFENERIYFSKQRLKQYEVDIAEVYQNGVNNHYIDLWEYYAAIAEKDFRDVMDQIKVFS
IEAQPIIELAARIYIEILDEVRQANYTLHERVFVEKRKKAKLFHEINSKYHRI
;
_entity_poly.pdbx_strand_id   A
#
loop_
_chem_comp.id
_chem_comp.type
_chem_comp.name
_chem_comp.formula
DH7 non-polymer (6E,10R,13S,18E)-2,6,10,15,19,23-hexamethyltetracosa-2,6,10,11,13,14,18,22-octaene 'C30 H46'
#
# COMPACT_ATOMS: atom_id res chain seq x y z
N MET A 7 -5.23 19.90 -22.61
CA MET A 7 -5.41 19.54 -21.17
C MET A 7 -6.76 20.00 -20.65
N THR A 8 -7.72 19.09 -20.59
CA THR A 8 -9.03 19.36 -20.00
C THR A 8 -8.91 19.71 -18.51
N MET A 9 -10.01 19.60 -17.78
CA MET A 9 -9.99 19.87 -16.35
C MET A 9 -9.80 18.59 -15.53
N MET A 10 -10.58 17.57 -15.85
CA MET A 10 -10.28 16.22 -15.38
C MET A 10 -8.77 15.97 -15.44
N ASP A 11 -8.17 16.20 -16.60
CA ASP A 11 -6.75 15.91 -16.78
C ASP A 11 -5.93 16.53 -15.66
N MET A 12 -6.20 17.79 -15.36
CA MET A 12 -5.46 18.50 -14.32
C MET A 12 -5.65 17.83 -12.96
N ASN A 13 -6.89 17.47 -12.65
CA ASN A 13 -7.18 16.66 -11.46
C ASN A 13 -6.36 15.37 -11.40
N PHE A 14 -6.41 14.58 -12.46
CA PHE A 14 -5.64 13.35 -12.55
C PHE A 14 -4.14 13.59 -12.41
N LYS A 15 -3.66 14.68 -12.99
CA LYS A 15 -2.23 15.00 -12.95
C LYS A 15 -1.78 15.40 -11.55
N TYR A 16 -2.69 15.99 -10.79
CA TYR A 16 -2.43 16.24 -9.36
C TYR A 16 -2.36 14.94 -8.58
N CYS A 17 -3.39 14.11 -8.71
CA CYS A 17 -3.35 12.73 -8.25
C CYS A 17 -2.03 12.06 -8.56
N HIS A 18 -1.63 12.08 -9.82
CA HIS A 18 -0.39 11.46 -10.25
C HIS A 18 0.80 12.03 -9.50
N LYS A 19 0.89 13.36 -9.44
CA LYS A 19 1.93 14.05 -8.68
C LYS A 19 2.04 13.48 -7.27
N ILE A 20 0.90 13.33 -6.60
CA ILE A 20 0.87 12.86 -5.23
C ILE A 20 1.50 11.47 -5.14
N MET A 21 1.09 10.59 -6.05
CA MET A 21 1.55 9.21 -6.05
C MET A 21 3.04 9.11 -6.33
N LYS A 22 3.51 9.88 -7.30
CA LYS A 22 4.93 9.90 -7.65
C LYS A 22 5.74 10.54 -6.53
N LYS A 23 5.14 11.52 -5.86
CA LYS A 23 5.75 12.12 -4.68
C LYS A 23 6.03 11.07 -3.62
N HIS A 24 5.03 10.23 -3.32
CA HIS A 24 5.04 9.46 -2.10
C HIS A 24 5.44 8.00 -2.32
N SER A 25 5.30 7.52 -3.55
CA SER A 25 5.70 6.15 -3.86
C SER A 25 6.42 6.01 -5.20
N LYS A 26 7.71 6.27 -5.20
CA LYS A 26 8.53 6.14 -6.42
C LYS A 26 8.40 4.74 -7.03
N SER A 27 8.09 3.75 -6.20
CA SER A 27 8.01 2.37 -6.67
C SER A 27 6.72 2.11 -7.45
N PHE A 28 5.60 2.52 -6.88
CA PHE A 28 4.31 2.19 -7.48
C PHE A 28 4.05 3.02 -8.73
N SER A 29 4.38 4.31 -8.65
CA SER A 29 4.47 5.14 -9.84
C SER A 29 5.29 4.47 -10.93
N TYR A 30 6.54 4.14 -10.62
CA TYR A 30 7.39 3.48 -11.61
C TYR A 30 6.62 2.36 -12.31
N ALA A 31 6.02 1.47 -11.51
CA ALA A 31 5.33 0.33 -12.05
C ALA A 31 4.06 0.75 -12.77
N PHE A 32 3.16 1.40 -12.04
CA PHE A 32 1.79 1.55 -12.51
C PHE A 32 1.63 2.60 -13.61
N ASP A 33 2.64 3.45 -13.78
CA ASP A 33 2.68 4.36 -14.92
C ASP A 33 2.84 3.62 -16.24
N LEU A 34 3.10 2.32 -16.17
CA LEU A 34 3.27 1.51 -17.37
C LEU A 34 1.95 0.91 -17.86
N LEU A 35 0.85 1.31 -17.25
CA LEU A 35 -0.47 0.82 -17.65
C LEU A 35 -1.02 1.62 -18.82
N PRO A 36 -1.98 1.04 -19.55
CA PRO A 36 -2.87 1.84 -20.40
C PRO A 36 -3.34 3.10 -19.68
N GLU A 37 -3.62 4.14 -20.46
CA GLU A 37 -4.00 5.44 -19.91
C GLU A 37 -5.20 5.35 -18.98
N ASP A 38 -6.20 4.57 -19.40
CA ASP A 38 -7.46 4.48 -18.66
C ASP A 38 -7.23 3.89 -17.27
N GLN A 39 -6.42 2.84 -17.21
CA GLN A 39 -6.20 2.12 -15.98
C GLN A 39 -5.26 2.86 -15.05
N ARG A 40 -4.28 3.56 -15.62
CA ARG A 40 -3.28 4.24 -14.82
C ARG A 40 -3.82 5.51 -14.18
N LYS A 41 -4.78 6.15 -14.86
CA LYS A 41 -5.49 7.29 -14.30
C LYS A 41 -6.31 6.85 -13.08
N ALA A 42 -7.09 5.80 -13.26
CA ALA A 42 -7.91 5.25 -12.18
C ALA A 42 -7.07 4.94 -10.95
N VAL A 43 -5.93 4.28 -11.16
CA VAL A 43 -5.02 3.98 -10.08
C VAL A 43 -4.47 5.23 -9.39
N TRP A 44 -4.20 6.27 -10.16
CA TRP A 44 -3.78 7.56 -9.59
C TRP A 44 -4.82 8.07 -8.61
N ALA A 45 -6.06 8.15 -9.08
CA ALA A 45 -7.17 8.67 -8.27
C ALA A 45 -7.32 7.90 -6.94
N ILE A 46 -7.24 6.59 -7.02
CA ILE A 46 -7.43 5.75 -5.85
C ILE A 46 -6.26 5.86 -4.89
N TYR A 47 -5.04 5.79 -5.42
CA TYR A 47 -3.88 6.02 -4.59
C TYR A 47 -3.99 7.33 -3.85
N ALA A 48 -4.34 8.38 -4.58
CA ALA A 48 -4.37 9.73 -4.01
C ALA A 48 -5.36 9.81 -2.86
N VAL A 49 -6.60 9.39 -3.10
CA VAL A 49 -7.60 9.30 -2.04
C VAL A 49 -7.03 8.60 -0.83
N CYS A 50 -6.40 7.46 -1.04
CA CYS A 50 -5.88 6.69 0.07
C CYS A 50 -4.71 7.40 0.76
N ARG A 51 -3.75 7.85 -0.03
CA ARG A 51 -2.69 8.71 0.47
C ARG A 51 -3.25 9.83 1.35
N LYS A 52 -4.34 10.43 0.88
CA LYS A 52 -4.92 11.61 1.52
C LYS A 52 -5.47 11.23 2.88
N ILE A 53 -5.99 10.01 2.98
CA ILE A 53 -6.56 9.52 4.23
C ILE A 53 -5.45 9.14 5.22
N ASP A 54 -4.42 8.47 4.70
CA ASP A 54 -3.30 8.03 5.54
C ASP A 54 -2.63 9.21 6.23
N ASP A 55 -2.47 10.31 5.50
CA ASP A 55 -1.78 11.48 6.03
C ASP A 55 -2.78 12.42 6.73
N SER A 56 -4.06 12.16 6.53
CA SER A 56 -5.12 13.13 6.87
C SER A 56 -4.98 13.69 8.28
N ILE A 57 -4.18 13.02 9.11
CA ILE A 57 -4.10 13.32 10.53
C ILE A 57 -2.97 14.29 10.83
N ILE A 63 -8.11 16.04 12.54
CA ILE A 63 -9.06 14.96 12.34
C ILE A 63 -10.37 15.43 11.70
N GLN A 64 -10.50 16.74 11.49
CA GLN A 64 -11.67 17.27 10.79
C GLN A 64 -11.63 16.94 9.31
N PHE A 65 -10.42 16.83 8.76
CA PHE A 65 -10.23 16.52 7.35
C PHE A 65 -10.77 15.13 7.01
N LEU A 66 -10.53 14.17 7.91
CA LEU A 66 -10.81 12.77 7.65
C LEU A 66 -12.30 12.49 7.54
N ASN A 67 -13.09 13.12 8.40
CA ASN A 67 -14.55 13.05 8.29
C ASN A 67 -15.04 13.67 6.99
N GLN A 68 -14.39 14.77 6.58
CA GLN A 68 -14.69 15.43 5.33
C GLN A 68 -14.48 14.48 4.16
N ILE A 69 -13.34 13.79 4.17
CA ILE A 69 -13.02 12.82 3.13
C ILE A 69 -14.03 11.67 3.11
N LYS A 70 -14.45 11.24 4.29
CA LYS A 70 -15.45 10.18 4.39
C LYS A 70 -16.80 10.65 3.83
N GLU A 71 -17.11 11.92 4.03
CA GLU A 71 -18.38 12.48 3.62
C GLU A 71 -18.42 12.63 2.10
N ASP A 72 -17.33 13.12 1.53
CA ASP A 72 -17.18 13.20 0.09
C ASP A 72 -17.35 11.84 -0.58
N ILE A 73 -16.79 10.81 0.06
CA ILE A 73 -16.85 9.47 -0.50
C ILE A 73 -18.25 8.88 -0.41
N GLN A 74 -18.99 9.25 0.64
CA GLN A 74 -20.37 8.79 0.79
C GLN A 74 -21.30 9.45 -0.23
N SER A 75 -21.15 10.76 -0.40
CA SER A 75 -21.70 11.47 -1.55
C SER A 75 -21.53 10.68 -2.84
N ILE A 76 -20.28 10.52 -3.26
CA ILE A 76 -19.95 9.84 -4.51
C ILE A 76 -20.67 8.50 -4.64
N GLU A 77 -20.75 7.77 -3.52
CA GLU A 77 -21.31 6.43 -3.54
C GLU A 77 -22.82 6.46 -3.70
N LYS A 78 -23.47 7.36 -2.96
CA LYS A 78 -24.91 7.54 -3.06
C LYS A 78 -25.33 8.04 -4.44
N TYR A 79 -24.77 9.20 -4.84
CA TYR A 79 -25.17 9.87 -6.08
C TYR A 79 -23.94 10.12 -6.96
N PRO A 80 -23.48 9.08 -7.67
CA PRO A 80 -22.30 9.14 -8.53
C PRO A 80 -22.40 10.21 -9.62
N TYR A 81 -23.62 10.45 -10.11
CA TYR A 81 -23.81 11.33 -11.27
C TYR A 81 -24.48 12.64 -10.88
N GLU A 82 -24.20 13.12 -9.67
CA GLU A 82 -24.55 14.48 -9.29
C GLU A 82 -23.29 15.31 -9.06
N TYR A 83 -23.42 16.63 -9.20
CA TYR A 83 -22.34 17.53 -8.80
C TYR A 83 -22.32 17.68 -7.29
N HIS A 84 -21.13 17.54 -6.70
CA HIS A 84 -20.97 17.71 -5.27
C HIS A 84 -20.00 18.84 -4.97
N HIS A 85 -20.26 19.58 -3.90
CA HIS A 85 -19.31 20.55 -3.39
C HIS A 85 -18.41 19.95 -2.32
N PHE A 86 -17.32 19.34 -2.77
CA PHE A 86 -16.49 18.49 -1.93
C PHE A 86 -15.89 19.28 -0.78
N GLN A 87 -15.98 18.71 0.42
CA GLN A 87 -15.51 19.38 1.62
C GLN A 87 -14.00 19.26 1.78
N SER A 88 -13.41 18.22 1.16
CA SER A 88 -12.02 17.86 1.43
C SER A 88 -11.06 18.39 0.37
N ASP A 89 -10.50 17.49 -0.44
CA ASP A 89 -9.75 17.90 -1.63
C ASP A 89 -10.55 17.65 -2.90
N ARG A 90 -11.00 18.75 -3.51
CA ARG A 90 -11.89 18.68 -4.66
C ARG A 90 -11.23 18.06 -5.89
N ARG A 91 -9.94 18.32 -6.07
CA ARG A 91 -9.20 17.76 -7.20
C ARG A 91 -9.25 16.24 -7.24
N ILE A 92 -9.13 15.61 -6.08
CA ILE A 92 -9.11 14.15 -6.01
C ILE A 92 -10.52 13.58 -6.12
N MET A 93 -11.46 14.19 -5.42
CA MET A 93 -12.80 13.65 -5.36
C MET A 93 -13.45 13.66 -6.73
N MET A 94 -13.10 14.66 -7.53
CA MET A 94 -13.55 14.71 -8.91
C MET A 94 -12.92 13.57 -9.71
N ALA A 95 -11.61 13.39 -9.55
CA ALA A 95 -10.90 12.31 -10.24
C ALA A 95 -11.48 10.95 -9.86
N LEU A 96 -11.77 10.77 -8.58
CA LEU A 96 -12.38 9.54 -8.10
C LEU A 96 -13.81 9.38 -8.60
N GLN A 97 -14.59 10.46 -8.48
CA GLN A 97 -15.96 10.46 -8.96
C GLN A 97 -15.99 10.06 -10.44
N HIS A 98 -15.02 10.58 -11.20
CA HIS A 98 -14.90 10.24 -12.63
C HIS A 98 -14.65 8.75 -12.84
N VAL A 99 -13.72 8.20 -12.07
CA VAL A 99 -13.49 6.77 -12.05
C VAL A 99 -14.80 6.04 -11.76
N ALA A 100 -15.46 6.45 -10.68
CA ALA A 100 -16.60 5.69 -10.15
C ALA A 100 -17.72 5.61 -11.17
N GLN A 101 -17.76 6.59 -12.08
CA GLN A 101 -18.76 6.61 -13.12
C GLN A 101 -18.55 5.51 -14.16
N HIS A 102 -17.31 5.05 -14.31
CA HIS A 102 -16.98 4.08 -15.36
C HIS A 102 -16.62 2.72 -14.80
N LYS A 103 -16.23 2.68 -13.54
CA LYS A 103 -15.68 1.47 -12.92
C LYS A 103 -16.35 1.20 -11.57
N ASN A 104 -16.14 -0.01 -11.04
CA ASN A 104 -16.81 -0.40 -9.81
C ASN A 104 -15.90 -0.27 -8.59
N ILE A 105 -16.29 0.61 -7.68
CA ILE A 105 -15.46 0.96 -6.54
C ILE A 105 -15.97 0.29 -5.27
N ALA A 106 -15.11 -0.49 -4.62
CA ALA A 106 -15.46 -1.12 -3.35
C ALA A 106 -15.49 -0.11 -2.21
N PHE A 107 -16.56 0.68 -2.16
CA PHE A 107 -16.64 1.76 -1.19
C PHE A 107 -16.38 1.30 0.23
N GLN A 108 -16.86 0.09 0.55
CA GLN A 108 -16.70 -0.45 1.89
C GLN A 108 -15.22 -0.48 2.30
N SER A 109 -14.36 -0.78 1.33
CA SER A 109 -12.93 -0.90 1.59
C SER A 109 -12.33 0.45 1.97
N PHE A 110 -12.83 1.52 1.36
CA PHE A 110 -12.45 2.86 1.76
C PHE A 110 -12.87 3.14 3.20
N TYR A 111 -14.04 2.64 3.58
CA TYR A 111 -14.56 2.87 4.92
C TYR A 111 -13.78 2.09 5.98
N ASN A 112 -13.25 0.93 5.58
CA ASN A 112 -12.38 0.16 6.45
C ASN A 112 -11.08 0.91 6.71
N LEU A 113 -10.42 1.29 5.63
CA LEU A 113 -9.18 2.05 5.70
C LEU A 113 -9.37 3.26 6.59
N ILE A 114 -10.50 3.95 6.39
CA ILE A 114 -10.83 5.12 7.19
C ILE A 114 -11.00 4.76 8.65
N ASP A 115 -11.81 3.73 8.92
CA ASP A 115 -11.92 3.17 10.26
C ASP A 115 -10.55 2.88 10.86
N THR A 116 -9.71 2.20 10.09
CA THR A 116 -8.40 1.79 10.58
C THR A 116 -7.58 3.00 10.98
N VAL A 117 -7.81 4.12 10.30
CA VAL A 117 -6.99 5.31 10.49
C VAL A 117 -7.42 6.16 11.69
N TYR A 118 -8.74 6.26 11.91
CA TYR A 118 -9.25 6.62 13.23
C TYR A 118 -8.43 5.89 14.31
N LYS A 119 -8.59 4.58 14.36
CA LYS A 119 -8.12 3.79 15.51
C LYS A 119 -6.65 4.05 15.79
N ASP A 120 -5.97 4.74 14.89
CA ASP A 120 -4.54 4.93 15.01
C ASP A 120 -4.19 6.15 15.85
N GLN A 121 -5.16 7.05 16.02
CA GLN A 121 -4.98 8.19 16.92
C GLN A 121 -4.74 7.73 18.35
N HIS A 122 -5.30 6.57 18.70
CA HIS A 122 -4.97 5.91 19.97
C HIS A 122 -4.29 4.56 19.74
N PHE A 123 -3.33 4.51 18.82
CA PHE A 123 -2.52 3.32 18.64
C PHE A 123 -1.96 2.81 19.97
N THR A 124 -2.37 1.61 20.35
CA THR A 124 -1.63 0.83 21.33
C THR A 124 -1.03 -0.40 20.65
N MET A 125 0.11 -0.88 21.17
CA MET A 125 0.81 -1.98 20.54
C MET A 125 -0.06 -3.21 20.41
N PHE A 126 0.07 -3.90 19.27
CA PHE A 126 -0.69 -5.12 19.02
C PHE A 126 -0.28 -6.20 20.02
N GLU A 127 -1.27 -6.85 20.60
CA GLU A 127 -1.03 -8.02 21.45
C GLU A 127 -0.38 -9.14 20.65
N THR A 128 -0.98 -9.46 19.52
CA THR A 128 -0.59 -10.64 18.75
C THR A 128 -0.37 -10.29 17.28
N ASP A 129 0.43 -11.11 16.59
CA ASP A 129 0.49 -11.07 15.14
C ASP A 129 -0.89 -10.93 14.48
N ALA A 130 -1.91 -11.54 15.08
CA ALA A 130 -3.24 -11.48 14.52
C ALA A 130 -3.71 -10.03 14.38
N GLU A 131 -3.49 -9.25 15.43
CA GLU A 131 -3.79 -7.82 15.40
C GLU A 131 -2.96 -7.09 14.36
N LEU A 132 -1.71 -7.49 14.21
CA LEU A 132 -0.81 -6.82 13.27
C LEU A 132 -1.27 -7.08 11.83
N PHE A 133 -1.57 -8.34 11.53
CA PHE A 133 -2.10 -8.71 10.23
C PHE A 133 -3.45 -8.06 9.95
N GLY A 134 -4.14 -7.66 11.00
CA GLY A 134 -5.47 -7.06 10.88
C GLY A 134 -5.38 -5.56 10.63
N TYR A 135 -4.40 -4.93 11.25
CA TYR A 135 -3.98 -3.60 10.84
C TYR A 135 -3.56 -3.60 9.37
N CYS A 136 -2.68 -4.53 9.00
CA CYS A 136 -2.21 -4.65 7.62
C CYS A 136 -3.35 -4.71 6.62
N TYR A 137 -4.40 -5.45 6.97
CA TYR A 137 -5.56 -5.50 6.11
C TYR A 137 -6.13 -4.10 5.95
N GLY A 138 -6.49 -3.50 7.07
CA GLY A 138 -7.17 -2.21 7.05
C GLY A 138 -6.39 -1.19 6.26
N VAL A 139 -5.07 -1.24 6.39
CA VAL A 139 -4.22 -0.21 5.80
C VAL A 139 -3.89 -0.44 4.33
N ALA A 140 -3.90 -1.70 3.89
CA ALA A 140 -3.37 -2.03 2.57
C ALA A 140 -4.17 -3.10 1.85
N GLY A 141 -4.53 -4.16 2.55
CA GLY A 141 -5.51 -5.12 2.04
C GLY A 141 -6.73 -4.42 1.44
N THR A 142 -7.17 -3.36 2.09
CA THR A 142 -8.30 -2.55 1.62
C THR A 142 -7.99 -1.89 0.27
N VAL A 143 -6.77 -1.36 0.15
CA VAL A 143 -6.37 -0.71 -1.08
C VAL A 143 -6.40 -1.69 -2.25
N GLY A 144 -5.76 -2.85 -2.05
CA GLY A 144 -5.75 -3.89 -3.07
C GLY A 144 -7.14 -4.28 -3.56
N GLU A 145 -8.12 -4.25 -2.68
CA GLU A 145 -9.48 -4.58 -3.08
C GLU A 145 -10.04 -3.46 -3.96
N VAL A 146 -9.81 -2.22 -3.55
CA VAL A 146 -10.31 -1.08 -4.30
C VAL A 146 -9.77 -1.10 -5.73
N LEU A 147 -8.51 -1.50 -5.86
CA LEU A 147 -7.83 -1.54 -7.15
C LEU A 147 -8.28 -2.71 -8.04
N THR A 148 -8.87 -3.73 -7.43
CA THR A 148 -9.11 -4.97 -8.12
C THR A 148 -9.91 -4.83 -9.42
N PRO A 149 -11.04 -4.11 -9.39
CA PRO A 149 -11.87 -3.97 -10.59
C PRO A 149 -11.12 -3.29 -11.71
N ILE A 150 -10.12 -2.48 -11.36
CA ILE A 150 -9.31 -1.78 -12.36
C ILE A 150 -8.35 -2.72 -13.08
N LEU A 151 -7.74 -3.63 -12.33
CA LEU A 151 -6.64 -4.43 -12.83
C LEU A 151 -7.07 -5.83 -13.29
N SER A 152 -8.39 -6.04 -13.36
CA SER A 152 -8.92 -7.32 -13.79
C SER A 152 -10.14 -7.17 -14.69
N ASP A 153 -10.21 -8.00 -15.71
CA ASP A 153 -11.33 -7.97 -16.67
C ASP A 153 -12.61 -8.40 -15.97
N HIS A 154 -12.52 -9.50 -15.21
CA HIS A 154 -13.67 -10.06 -14.52
C HIS A 154 -13.32 -10.39 -13.07
N GLU A 155 -14.07 -9.81 -12.14
CA GLU A 155 -13.68 -9.82 -10.73
C GLU A 155 -14.42 -10.91 -9.98
N THR A 156 -13.71 -11.99 -9.66
CA THR A 156 -14.26 -13.02 -8.79
C THR A 156 -13.66 -12.93 -7.39
N HIS A 157 -14.17 -13.74 -6.47
CA HIS A 157 -13.69 -13.70 -5.09
C HIS A 157 -12.18 -13.89 -4.98
N GLN A 158 -11.62 -14.78 -5.81
CA GLN A 158 -10.20 -15.07 -5.72
C GLN A 158 -9.36 -13.98 -6.36
N THR A 159 -10.00 -13.10 -7.13
CA THR A 159 -9.35 -11.89 -7.60
C THR A 159 -9.13 -10.92 -6.44
N TYR A 160 -10.20 -10.65 -5.70
CA TYR A 160 -10.12 -9.80 -4.52
C TYR A 160 -9.17 -10.40 -3.48
N ASP A 161 -9.26 -11.72 -3.32
CA ASP A 161 -8.39 -12.42 -2.39
C ASP A 161 -6.91 -12.16 -2.65
N VAL A 162 -6.44 -12.49 -3.85
CA VAL A 162 -5.05 -12.28 -4.23
C VAL A 162 -4.60 -10.85 -3.95
N ALA A 163 -5.36 -9.88 -4.48
CA ALA A 163 -4.94 -8.48 -4.43
C ALA A 163 -4.83 -8.01 -3.00
N ARG A 164 -5.77 -8.43 -2.17
CA ARG A 164 -5.68 -8.28 -0.73
C ARG A 164 -4.37 -8.84 -0.17
N ARG A 165 -4.12 -10.11 -0.44
CA ARG A 165 -2.90 -10.75 0.06
C ARG A 165 -1.65 -9.99 -0.36
N LEU A 166 -1.62 -9.53 -1.61
CA LEU A 166 -0.52 -8.71 -2.06
C LEU A 166 -0.44 -7.41 -1.26
N GLY A 167 -1.55 -6.68 -1.21
CA GLY A 167 -1.67 -5.49 -0.39
C GLY A 167 -1.11 -5.67 1.02
N GLU A 168 -1.55 -6.73 1.69
CA GLU A 168 -1.16 -6.96 3.08
C GLU A 168 0.35 -7.22 3.21
N SER A 169 0.89 -7.94 2.24
CA SER A 169 2.30 -8.31 2.31
C SER A 169 3.18 -7.10 2.04
N LEU A 170 2.75 -6.23 1.14
CA LEU A 170 3.49 -5.01 0.83
C LEU A 170 3.55 -4.11 2.05
N GLN A 171 2.41 -3.92 2.70
CA GLN A 171 2.39 -3.22 3.98
C GLN A 171 3.35 -3.84 4.99
N LEU A 172 3.39 -5.17 5.03
CA LEU A 172 4.30 -5.86 5.94
C LEU A 172 5.75 -5.57 5.61
N ILE A 173 6.04 -5.44 4.31
CA ILE A 173 7.39 -5.08 3.87
C ILE A 173 7.72 -3.63 4.21
N ASN A 174 6.72 -2.77 4.14
CA ASN A 174 6.81 -1.44 4.74
C ASN A 174 7.34 -1.47 6.16
N ILE A 175 6.53 -2.00 7.06
CA ILE A 175 6.89 -2.14 8.46
C ILE A 175 8.35 -2.56 8.61
N LEU A 176 8.77 -3.52 7.78
CA LEU A 176 10.09 -4.10 7.94
C LEU A 176 11.19 -3.11 7.58
N ARG A 177 10.94 -2.30 6.55
CA ARG A 177 11.91 -1.31 6.11
C ARG A 177 12.01 -0.15 7.09
N ASP A 178 10.92 0.11 7.80
CA ASP A 178 10.67 1.42 8.40
C ASP A 178 10.87 1.35 9.90
N VAL A 179 11.53 0.28 10.38
CA VAL A 179 11.48 -0.05 11.79
C VAL A 179 12.00 1.09 12.65
N GLY A 180 13.15 1.64 12.27
CA GLY A 180 13.75 2.77 12.98
C GLY A 180 12.89 4.02 12.93
N GLU A 181 12.57 4.45 11.71
CA GLU A 181 11.70 5.61 11.52
C GLU A 181 10.42 5.52 12.35
N ASP A 182 9.83 4.33 12.38
CA ASP A 182 8.56 4.14 13.09
C ASP A 182 8.76 4.25 14.60
N PHE A 183 9.84 3.64 15.10
CA PHE A 183 10.23 3.81 16.49
C PHE A 183 10.37 5.30 16.84
N GLU A 184 11.03 6.05 15.98
CA GLU A 184 11.22 7.48 16.21
C GLU A 184 9.88 8.18 16.42
N ASN A 185 8.86 7.75 15.69
CA ASN A 185 7.54 8.37 15.80
C ASN A 185 6.68 7.65 16.83
N GLU A 186 7.33 6.95 17.76
CA GLU A 186 6.65 6.41 18.92
C GLU A 186 5.74 5.24 18.55
N ARG A 187 6.12 4.54 17.49
CA ARG A 187 5.32 3.42 16.99
C ARG A 187 6.18 2.18 16.84
N ILE A 188 5.69 1.05 17.34
CA ILE A 188 6.27 -0.25 17.02
C ILE A 188 5.18 -1.18 16.50
N TYR A 189 5.44 -1.83 15.38
CA TYR A 189 4.42 -2.60 14.70
C TYR A 189 4.57 -4.11 14.92
N PHE A 190 5.79 -4.54 15.23
CA PHE A 190 6.00 -5.85 15.79
C PHE A 190 5.11 -6.08 17.02
N SER A 191 4.60 -7.30 17.16
CA SER A 191 3.59 -7.60 18.18
C SER A 191 4.23 -7.95 19.52
N LYS A 192 3.55 -7.57 20.60
CA LYS A 192 4.06 -7.83 21.94
C LYS A 192 4.44 -9.29 22.14
N GLN A 193 3.61 -10.20 21.62
CA GLN A 193 3.82 -11.62 21.83
C GLN A 193 5.07 -12.11 21.12
N ARG A 194 5.31 -11.56 19.93
CA ARG A 194 6.45 -11.98 19.13
C ARG A 194 7.74 -11.33 19.61
N LEU A 195 7.64 -10.09 20.07
CA LEU A 195 8.76 -9.42 20.71
C LEU A 195 9.25 -10.21 21.92
N LYS A 196 8.33 -10.52 22.83
CA LYS A 196 8.66 -11.24 24.05
C LYS A 196 9.22 -12.63 23.76
N GLN A 197 8.54 -13.38 22.91
CA GLN A 197 9.03 -14.70 22.49
C GLN A 197 10.45 -14.64 21.93
N TYR A 198 10.76 -13.61 21.15
CA TYR A 198 12.08 -13.49 20.53
C TYR A 198 13.04 -12.67 21.38
N GLU A 199 12.53 -12.14 22.50
CA GLU A 199 13.37 -11.42 23.46
C GLU A 199 13.99 -10.17 22.82
N VAL A 200 13.14 -9.28 22.32
CA VAL A 200 13.60 -8.09 21.64
C VAL A 200 13.01 -6.83 22.27
N ASP A 201 13.88 -5.89 22.60
CA ASP A 201 13.46 -4.56 23.02
C ASP A 201 13.87 -3.59 21.93
N ILE A 202 12.88 -3.06 21.24
CA ILE A 202 13.12 -2.24 20.06
C ILE A 202 13.80 -0.93 20.43
N ALA A 203 13.44 -0.39 21.60
CA ALA A 203 14.16 0.74 22.19
C ALA A 203 15.66 0.45 22.33
N GLU A 204 15.98 -0.76 22.78
CA GLU A 204 17.37 -1.13 23.02
C GLU A 204 18.15 -1.24 21.71
N VAL A 205 17.62 -2.01 20.78
CA VAL A 205 18.27 -2.19 19.48
C VAL A 205 18.53 -0.85 18.81
N TYR A 206 17.58 0.08 18.96
CA TYR A 206 17.70 1.40 18.34
C TYR A 206 18.92 2.14 18.86
N GLN A 207 19.22 1.96 20.14
CA GLN A 207 20.38 2.58 20.76
C GLN A 207 21.68 1.85 20.42
N ASN A 208 21.65 0.53 20.48
CA ASN A 208 22.89 -0.25 20.54
C ASN A 208 23.19 -1.04 19.28
N GLY A 209 22.39 -0.83 18.24
CA GLY A 209 22.56 -1.56 16.99
C GLY A 209 21.82 -2.87 17.00
N VAL A 210 22.01 -3.67 15.96
CA VAL A 210 21.26 -4.91 15.81
C VAL A 210 21.96 -6.06 16.54
N ASN A 211 21.22 -7.14 16.76
CA ASN A 211 21.78 -8.37 17.32
C ASN A 211 21.09 -9.60 16.75
N ASN A 212 21.42 -10.76 17.30
CA ASN A 212 20.93 -12.03 16.76
C ASN A 212 19.42 -12.20 16.95
N HIS A 213 18.91 -11.69 18.05
CA HIS A 213 17.48 -11.84 18.37
C HIS A 213 16.61 -10.98 17.47
N TYR A 214 17.03 -9.74 17.23
CA TYR A 214 16.36 -8.88 16.27
C TYR A 214 16.32 -9.53 14.90
N ILE A 215 17.50 -9.81 14.34
CA ILE A 215 17.59 -10.38 13.00
C ILE A 215 16.58 -11.51 12.84
N ASP A 216 16.50 -12.39 13.82
CA ASP A 216 15.63 -13.55 13.78
C ASP A 216 14.15 -13.16 13.72
N LEU A 217 13.74 -12.24 14.58
CA LEU A 217 12.37 -11.73 14.56
C LEU A 217 12.07 -11.08 13.23
N TRP A 218 12.94 -10.19 12.81
CA TRP A 218 12.81 -9.52 11.52
C TRP A 218 12.75 -10.54 10.40
N GLU A 219 13.56 -11.58 10.49
CA GLU A 219 13.64 -12.59 9.44
C GLU A 219 12.41 -13.50 9.44
N TYR A 220 11.70 -13.51 10.57
CA TYR A 220 10.56 -14.39 10.74
C TYR A 220 9.35 -13.80 10.04
N TYR A 221 9.18 -12.49 10.18
CA TYR A 221 8.22 -11.72 9.38
C TYR A 221 8.58 -11.71 7.89
N ALA A 222 9.82 -11.38 7.58
CA ALA A 222 10.29 -11.44 6.21
C ALA A 222 9.87 -12.75 5.53
N ALA A 223 9.96 -13.85 6.25
CA ALA A 223 9.58 -15.15 5.72
C ALA A 223 8.10 -15.18 5.32
N ILE A 224 7.26 -14.59 6.18
CA ILE A 224 5.83 -14.51 5.90
C ILE A 224 5.55 -13.72 4.62
N ALA A 225 6.28 -12.62 4.43
CA ALA A 225 6.09 -11.78 3.26
C ALA A 225 6.50 -12.52 2.00
N GLU A 226 7.76 -12.93 1.93
CA GLU A 226 8.26 -13.67 0.77
C GLU A 226 7.30 -14.79 0.39
N LYS A 227 6.73 -15.45 1.40
CA LYS A 227 5.84 -16.58 1.16
C LYS A 227 4.52 -16.11 0.58
N ASP A 228 4.02 -14.99 1.10
CA ASP A 228 2.81 -14.38 0.56
C ASP A 228 3.02 -13.88 -0.86
N PHE A 229 4.19 -13.30 -1.11
CA PHE A 229 4.55 -12.84 -2.45
C PHE A 229 4.53 -13.99 -3.46
N ARG A 230 5.23 -15.06 -3.12
CA ARG A 230 5.22 -16.26 -3.96
C ARG A 230 3.81 -16.77 -4.23
N ASP A 231 2.96 -16.73 -3.21
CA ASP A 231 1.60 -17.23 -3.33
C ASP A 231 0.79 -16.40 -4.31
N VAL A 232 1.15 -15.12 -4.44
CA VAL A 232 0.45 -14.23 -5.35
C VAL A 232 0.97 -14.37 -6.78
N MET A 233 2.28 -14.52 -6.91
CA MET A 233 2.90 -14.74 -8.22
C MET A 233 2.28 -15.93 -8.92
N ASP A 234 2.05 -17.00 -8.15
CA ASP A 234 1.51 -18.24 -8.70
C ASP A 234 0.02 -18.13 -8.98
N GLN A 235 -0.56 -16.95 -8.74
CA GLN A 235 -1.95 -16.69 -9.07
C GLN A 235 -2.12 -15.39 -9.84
N ILE A 236 -1.02 -14.86 -10.36
CA ILE A 236 -1.04 -13.56 -11.03
C ILE A 236 -2.09 -13.52 -12.12
N LYS A 237 -2.48 -14.69 -12.62
CA LYS A 237 -3.33 -14.78 -13.80
C LYS A 237 -4.70 -14.14 -13.59
N VAL A 238 -5.11 -14.00 -12.33
CA VAL A 238 -6.43 -13.47 -12.01
C VAL A 238 -6.57 -12.04 -12.51
N PHE A 239 -5.43 -11.41 -12.78
CA PHE A 239 -5.42 -10.03 -13.27
C PHE A 239 -5.36 -9.98 -14.79
N SER A 240 -5.93 -8.93 -15.36
CA SER A 240 -5.94 -8.74 -16.81
C SER A 240 -4.53 -8.80 -17.38
N ILE A 241 -4.43 -9.03 -18.67
CA ILE A 241 -3.15 -9.41 -19.28
C ILE A 241 -2.16 -8.26 -19.35
N GLU A 242 -2.67 -7.03 -19.51
CA GLU A 242 -1.81 -5.85 -19.49
C GLU A 242 -1.27 -5.56 -18.08
N ALA A 243 -2.03 -5.96 -17.06
CA ALA A 243 -1.71 -5.59 -15.68
C ALA A 243 -0.74 -6.58 -15.01
N GLN A 244 -0.70 -7.81 -15.51
CA GLN A 244 0.07 -8.86 -14.85
C GLN A 244 1.53 -8.46 -14.61
N PRO A 245 2.29 -8.26 -15.69
CA PRO A 245 3.69 -7.84 -15.57
C PRO A 245 3.87 -6.54 -14.78
N ILE A 246 2.92 -5.62 -14.87
CA ILE A 246 2.94 -4.43 -14.03
C ILE A 246 2.89 -4.81 -12.55
N ILE A 247 2.00 -5.74 -12.21
CA ILE A 247 1.79 -6.13 -10.82
C ILE A 247 2.93 -7.03 -10.35
N GLU A 248 3.40 -7.89 -11.25
CA GLU A 248 4.63 -8.61 -11.00
C GLU A 248 5.77 -7.65 -10.68
N LEU A 249 5.92 -6.62 -11.52
CA LEU A 249 6.98 -5.63 -11.31
C LEU A 249 6.87 -4.96 -9.95
N ALA A 250 5.71 -4.36 -9.70
CA ALA A 250 5.48 -3.67 -8.43
C ALA A 250 5.86 -4.55 -7.24
N ALA A 251 5.46 -5.82 -7.30
CA ALA A 251 5.73 -6.73 -6.21
C ALA A 251 7.22 -7.04 -6.14
N ARG A 252 7.81 -7.36 -7.29
CA ARG A 252 9.21 -7.74 -7.34
C ARG A 252 10.13 -6.61 -6.88
N ILE A 253 9.79 -5.39 -7.25
CA ILE A 253 10.53 -4.23 -6.75
C ILE A 253 10.46 -4.15 -5.24
N TYR A 254 9.30 -4.49 -4.69
CA TYR A 254 9.04 -4.29 -3.27
C TYR A 254 9.65 -5.38 -2.39
N ILE A 255 9.67 -6.62 -2.90
CA ILE A 255 10.46 -7.67 -2.27
C ILE A 255 11.94 -7.34 -2.28
N GLU A 256 12.39 -6.74 -3.37
CA GLU A 256 13.77 -6.29 -3.48
C GLU A 256 14.13 -5.40 -2.30
N ILE A 257 13.13 -4.73 -1.75
CA ILE A 257 13.33 -3.88 -0.57
C ILE A 257 13.89 -4.69 0.59
N LEU A 258 13.63 -6.00 0.57
CA LEU A 258 14.00 -6.86 1.69
C LEU A 258 15.50 -7.17 1.68
N ASP A 259 16.02 -7.44 0.48
CA ASP A 259 17.46 -7.63 0.31
C ASP A 259 18.23 -6.34 0.55
N GLU A 260 17.61 -5.21 0.25
CA GLU A 260 18.18 -3.92 0.59
C GLU A 260 18.39 -3.76 2.10
N VAL A 261 17.36 -4.06 2.89
CA VAL A 261 17.48 -3.96 4.33
C VAL A 261 18.57 -4.88 4.86
N ARG A 262 18.70 -6.06 4.25
CA ARG A 262 19.73 -7.02 4.66
C ARG A 262 21.14 -6.47 4.43
N GLN A 263 21.35 -5.86 3.27
CA GLN A 263 22.66 -5.30 2.93
C GLN A 263 23.00 -4.08 3.77
N ALA A 264 21.97 -3.39 4.26
CA ALA A 264 22.16 -2.27 5.19
C ALA A 264 22.35 -2.77 6.62
N ASN A 265 22.55 -4.10 6.75
CA ASN A 265 22.57 -4.75 8.06
C ASN A 265 21.41 -4.35 8.96
N TYR A 266 20.20 -4.46 8.43
CA TYR A 266 18.99 -4.25 9.22
C TYR A 266 19.03 -2.95 10.00
N THR A 267 19.71 -1.94 9.45
CA THR A 267 19.87 -0.66 10.14
C THR A 267 18.54 -0.10 10.62
N LEU A 268 18.57 0.69 11.69
CA LEU A 268 17.38 1.38 12.18
C LEU A 268 17.52 2.89 12.07
N HIS A 269 18.44 3.34 11.23
CA HIS A 269 18.77 4.77 11.15
C HIS A 269 18.82 5.26 9.71
N GLU A 270 18.07 4.60 8.84
CA GLU A 270 17.77 5.15 7.53
C GLU A 270 16.74 4.32 6.80
N ARG A 271 15.87 4.99 6.05
CA ARG A 271 15.12 4.36 4.97
C ARG A 271 16.08 3.87 3.87
N VAL A 272 16.13 2.56 3.66
CA VAL A 272 16.76 2.02 2.46
C VAL A 272 15.85 2.15 1.24
N PHE A 273 16.43 2.02 0.05
CA PHE A 273 15.70 2.24 -1.19
C PHE A 273 16.23 1.32 -2.28
N VAL A 274 15.42 1.10 -3.31
CA VAL A 274 15.87 0.40 -4.50
C VAL A 274 16.10 1.41 -5.64
N GLU A 275 17.37 1.67 -5.95
CA GLU A 275 17.69 2.71 -6.91
C GLU A 275 17.01 2.46 -8.26
N LYS A 276 16.71 3.54 -8.98
CA LYS A 276 15.92 3.47 -10.20
C LYS A 276 16.51 2.46 -11.19
N ARG A 277 17.83 2.34 -11.18
CA ARG A 277 18.51 1.43 -12.10
C ARG A 277 18.12 -0.02 -11.86
N LYS A 278 18.00 -0.39 -10.58
CA LYS A 278 17.55 -1.73 -10.20
C LYS A 278 16.11 -1.96 -10.64
N LYS A 279 15.26 -0.99 -10.32
CA LYS A 279 13.90 -0.99 -10.81
C LYS A 279 13.88 -1.31 -12.29
N ALA A 280 14.71 -0.60 -13.05
CA ALA A 280 14.78 -0.78 -14.50
C ALA A 280 15.31 -2.17 -14.88
N LYS A 281 16.30 -2.66 -14.12
CA LYS A 281 16.81 -4.00 -14.30
C LYS A 281 15.70 -5.05 -14.20
N LEU A 282 14.83 -4.88 -13.20
CA LEU A 282 13.82 -5.89 -12.90
C LEU A 282 12.68 -5.85 -13.91
N PHE A 283 12.30 -4.65 -14.32
CA PHE A 283 11.34 -4.49 -15.41
C PHE A 283 11.80 -5.27 -16.62
N HIS A 284 13.11 -5.34 -16.81
CA HIS A 284 13.71 -6.06 -17.94
C HIS A 284 13.58 -7.57 -17.76
N GLU A 285 13.92 -8.05 -16.57
CA GLU A 285 13.82 -9.47 -16.25
C GLU A 285 12.39 -9.97 -16.40
N ILE A 286 11.43 -9.18 -15.91
CA ILE A 286 10.03 -9.54 -15.93
C ILE A 286 9.44 -9.36 -17.32
N ASN A 287 9.64 -8.18 -17.89
CA ASN A 287 9.26 -7.88 -19.26
C ASN A 287 9.76 -8.93 -20.25
N SER A 288 10.94 -9.48 -19.97
CA SER A 288 11.65 -10.31 -20.94
C SER A 288 10.98 -11.68 -21.11
N LYS A 289 10.22 -12.09 -20.10
CA LYS A 289 9.47 -13.34 -20.21
C LYS A 289 7.96 -13.11 -20.35
N TYR A 290 7.58 -11.98 -20.93
CA TYR A 290 6.21 -11.74 -21.35
C TYR A 290 6.13 -11.39 -22.84
C1 DH7 B . 14.95 5.84 0.72
C2 DH7 B . 12.98 4.20 0.00
C3 DH7 B . -3.00 4.71 2.38
C4 DH7 B . 8.18 5.21 -0.32
C5 DH7 B . 2.11 2.44 2.01
C6 DH7 B . 8.65 6.89 -2.61
C7 DH7 B . -0.83 -0.72 -1.16
C8 DH7 B . 5.78 3.96 0.53
C9 DH7 B . 4.57 3.43 0.98
C10 DH7 B . 6.56 3.28 -0.39
C11 DH7 B . 4.12 2.19 0.50
C12 DH7 B . 12.62 6.69 0.24
C13 DH7 B . -1.79 3.92 0.30
C14 DH7 B . 10.15 4.86 -2.35
C15 DH7 B . 0.18 0.76 0.62
C16 DH7 B . 11.28 6.63 -0.07
C17 DH7 B . -0.94 3.16 -0.50
C18 DH7 B . 9.23 3.97 -2.91
C19 DH7 B . 1.13 -0.15 1.05
C20 DH7 B . 8.62 3.07 -1.84
C21 DH7 B . 2.52 0.24 0.54
C22 DH7 B . 11.04 7.07 -1.53
C23 DH7 B . -1.58 1.81 -0.87
C24 DH7 B . 13.50 5.61 0.31
C25 DH7 B . -2.08 3.74 1.65
C26 DH7 B . 7.73 3.85 -0.87
C27 DH7 B . 2.94 1.66 0.99
C28 DH7 B . 9.95 6.22 -2.18
C29 DH7 B . -0.70 0.63 -0.45
C30 DH7 B . -1.46 2.57 2.44
#